data_8SZ2
#
_entry.id   8SZ2
#
_cell.length_a   102.349
_cell.length_b   102.349
_cell.length_c   92.891
_cell.angle_alpha   90.00
_cell.angle_beta   90.00
_cell.angle_gamma   120.00
#
_symmetry.space_group_name_H-M   'P 63'
#
loop_
_entity.id
_entity.type
_entity.pdbx_description
1 polymer 'Shiga-like toxin 2 subunit A'
2 polymer 'P stalk peptide P8'
3 non-polymer 'NONAETHYLENE GLYCOL'
4 non-polymer 1,2-ETHANEDIOL
5 non-polymer 'PHOSPHATE ION'
6 non-polymer 'CHLORIDE ION'
7 water water
#
loop_
_entity_poly.entity_id
_entity_poly.type
_entity_poly.pdbx_seq_one_letter_code
_entity_poly.pdbx_strand_id
1 'polypeptide(L)'
;MREFTIDFSTQQSYVSSLNSIRTEISTPLEHISQGTTSVSVINHTPPGSYFAVDIRGLDVYQARFDHLRLIIEQNNLAVA
GFVNTATNTFYRFSDFTHISVPGVTTVSMTTDSSYTTLQRVAALERSGMQISRHSLVSSYLALMEFSGNTMTRDASRAVL
RFVTVTAEALRFRQIQREFRQALSETAPVYTMTPGDVDLTLNWGRISNVLPEYRGEDGVRVGRISFNNISAILGTVAVIL
NCHHQGARSVR
;
A,B
2 'polypeptide(L)' GFGLFD P,Q
#
# COMPACT_ATOMS: atom_id res chain seq x y z
N MET A 1 -18.99 -14.93 -15.48
CA MET A 1 -18.30 -14.77 -14.22
C MET A 1 -17.57 -16.07 -13.87
N ARG A 2 -16.37 -15.98 -13.31
CA ARG A 2 -15.72 -17.16 -12.78
C ARG A 2 -16.26 -17.52 -11.40
N GLU A 3 -16.21 -18.82 -11.09
CA GLU A 3 -16.72 -19.34 -9.84
C GLU A 3 -15.73 -20.38 -9.34
N PHE A 4 -15.29 -20.24 -8.09
CA PHE A 4 -14.39 -21.21 -7.47
C PHE A 4 -14.98 -21.68 -6.13
N THR A 5 -14.57 -22.86 -5.68
CA THR A 5 -14.87 -23.35 -4.34
C THR A 5 -13.58 -23.29 -3.53
N ILE A 6 -13.68 -22.83 -2.28
CA ILE A 6 -12.62 -23.06 -1.30
C ILE A 6 -13.18 -24.06 -0.30
N ASP A 7 -12.63 -25.26 -0.30
CA ASP A 7 -13.15 -26.39 0.48
C ASP A 7 -12.25 -26.56 1.70
N PHE A 8 -12.81 -26.35 2.89
CA PHE A 8 -12.06 -26.39 4.14
C PHE A 8 -12.09 -27.78 4.80
N SER A 9 -12.50 -28.83 4.07
CA SER A 9 -12.68 -30.15 4.66
C SER A 9 -11.40 -30.67 5.29
N THR A 10 -10.27 -30.48 4.61
CA THR A 10 -8.99 -31.02 5.05
C THR A 10 -7.91 -30.01 4.65
N GLN A 11 -6.70 -30.23 5.17
CA GLN A 11 -5.59 -29.41 4.69
C GLN A 11 -5.41 -29.58 3.19
N GLN A 12 -5.56 -30.81 2.68
CA GLN A 12 -5.33 -31.09 1.28
C GLN A 12 -6.35 -30.35 0.39
N SER A 13 -7.64 -30.42 0.74
CA SER A 13 -8.67 -29.78 -0.09
C SER A 13 -8.52 -28.26 -0.08
N TYR A 14 -8.12 -27.68 1.05
CA TYR A 14 -7.92 -26.24 1.15
C TYR A 14 -6.75 -25.77 0.27
N VAL A 15 -5.60 -26.43 0.37
CA VAL A 15 -4.46 -26.04 -0.45
C VAL A 15 -4.78 -26.22 -1.92
N SER A 16 -5.41 -27.35 -2.29
CA SER A 16 -5.70 -27.53 -3.72
C SER A 16 -6.74 -26.52 -4.20
N SER A 17 -7.69 -26.11 -3.33
CA SER A 17 -8.61 -25.02 -3.69
C SER A 17 -7.86 -23.73 -4.00
N LEU A 18 -6.93 -23.34 -3.14
CA LEU A 18 -6.18 -22.11 -3.38
C LEU A 18 -5.32 -22.20 -4.64
N ASN A 19 -4.70 -23.36 -4.88
CA ASN A 19 -3.88 -23.49 -6.08
C ASN A 19 -4.72 -23.47 -7.35
N SER A 20 -5.93 -24.02 -7.34
CA SER A 20 -6.74 -23.95 -8.56
C SER A 20 -7.11 -22.51 -8.88
N ILE A 21 -7.42 -21.72 -7.87
CA ILE A 21 -7.73 -20.31 -8.11
C ILE A 21 -6.52 -19.61 -8.71
N ARG A 22 -5.35 -19.83 -8.10
CA ARG A 22 -4.15 -19.13 -8.56
C ARG A 22 -3.84 -19.45 -10.02
N THR A 23 -3.93 -20.73 -10.40
CA THR A 23 -3.68 -21.14 -11.78
C THR A 23 -4.66 -20.51 -12.77
N GLU A 24 -5.91 -20.26 -12.35
CA GLU A 24 -6.90 -19.73 -13.27
C GLU A 24 -6.82 -18.20 -13.41
N ILE A 25 -6.40 -17.46 -12.38
CA ILE A 25 -6.44 -16.00 -12.46
C ILE A 25 -5.07 -15.36 -12.59
N SER A 26 -3.99 -16.14 -12.66
CA SER A 26 -2.66 -15.54 -12.63
C SER A 26 -1.68 -16.37 -13.46
N THR A 27 -0.55 -15.74 -13.80
CA THR A 27 0.45 -16.36 -14.67
C THR A 27 1.81 -16.33 -13.97
N PRO A 28 2.54 -17.46 -13.95
CA PRO A 28 3.82 -17.50 -13.23
C PRO A 28 4.85 -16.52 -13.76
N LEU A 29 5.64 -15.93 -12.85
CA LEU A 29 6.79 -15.14 -13.27
C LEU A 29 7.92 -16.07 -13.70
N GLU A 30 8.58 -15.72 -14.81
CA GLU A 30 9.62 -16.59 -15.33
C GLU A 30 10.80 -16.72 -14.35
N HIS A 31 11.19 -15.61 -13.74
CA HIS A 31 12.40 -15.54 -12.93
C HIS A 31 12.18 -15.87 -11.45
N ILE A 32 10.95 -16.09 -11.01
CA ILE A 32 10.71 -16.48 -9.62
C ILE A 32 9.94 -17.79 -9.58
N SER A 33 10.65 -18.89 -9.80
CA SER A 33 10.05 -20.20 -9.97
C SER A 33 11.03 -21.27 -9.55
N GLN A 34 10.51 -22.35 -8.99
CA GLN A 34 11.31 -23.49 -8.59
C GLN A 34 10.39 -24.70 -8.54
N GLY A 35 10.65 -25.69 -9.38
CA GLY A 35 9.70 -26.79 -9.53
C GLY A 35 8.39 -26.29 -10.13
N THR A 36 7.28 -26.74 -9.56
CA THR A 36 5.96 -26.24 -9.95
C THR A 36 5.52 -25.03 -9.12
N THR A 37 6.35 -24.56 -8.19
CA THR A 37 6.00 -23.42 -7.35
C THR A 37 6.54 -22.13 -7.99
N SER A 38 5.68 -21.11 -8.02
CA SER A 38 6.08 -19.82 -8.59
C SER A 38 5.39 -18.70 -7.84
N VAL A 39 5.94 -17.49 -8.00
CA VAL A 39 5.19 -16.26 -7.81
C VAL A 39 4.45 -15.97 -9.11
N SER A 40 3.14 -15.72 -9.02
CA SER A 40 2.31 -15.45 -10.20
C SER A 40 1.76 -14.02 -10.15
N VAL A 41 1.53 -13.45 -11.34
CA VAL A 41 0.98 -12.11 -11.52
C VAL A 41 -0.48 -12.27 -11.98
N ILE A 42 -1.39 -11.54 -11.33
CA ILE A 42 -2.81 -11.55 -11.69
C ILE A 42 -2.99 -11.13 -13.15
N ASN A 43 -3.75 -11.94 -13.91
CA ASN A 43 -4.01 -11.62 -15.30
C ASN A 43 -4.91 -10.40 -15.41
N HIS A 44 -4.61 -9.55 -16.39
CA HIS A 44 -5.39 -8.34 -16.59
C HIS A 44 -6.81 -8.68 -17.03
N THR A 45 -7.79 -8.09 -16.35
CA THR A 45 -9.20 -8.14 -16.70
C THR A 45 -9.73 -6.71 -16.80
N PRO A 46 -10.89 -6.52 -17.43
CA PRO A 46 -11.48 -5.19 -17.45
C PRO A 46 -11.74 -4.68 -16.04
N PRO A 47 -11.59 -3.37 -15.82
CA PRO A 47 -11.90 -2.81 -14.50
C PRO A 47 -13.32 -3.15 -14.06
N GLY A 48 -13.48 -3.46 -12.78
CA GLY A 48 -14.77 -3.87 -12.28
C GLY A 48 -15.02 -5.36 -12.34
N SER A 49 -14.09 -6.14 -12.87
CA SER A 49 -14.26 -7.59 -12.94
C SER A 49 -14.17 -8.22 -11.56
N TYR A 50 -14.96 -9.27 -11.38
CA TYR A 50 -15.03 -9.99 -10.12
C TYR A 50 -15.27 -11.47 -10.38
N PHE A 51 -14.96 -12.28 -9.39
CA PHE A 51 -15.30 -13.70 -9.40
C PHE A 51 -15.88 -14.06 -8.05
N ALA A 52 -16.56 -15.20 -8.00
CA ALA A 52 -17.22 -15.67 -6.79
C ALA A 52 -16.42 -16.80 -6.18
N VAL A 53 -16.37 -16.83 -4.86
CA VAL A 53 -15.77 -17.94 -4.11
C VAL A 53 -16.85 -18.56 -3.22
N ASP A 54 -17.14 -19.84 -3.43
CA ASP A 54 -18.10 -20.57 -2.61
C ASP A 54 -17.36 -21.29 -1.47
N ILE A 55 -17.81 -21.04 -0.25
CA ILE A 55 -17.21 -21.61 0.96
C ILE A 55 -17.84 -22.96 1.24
N ARG A 56 -17.00 -24.00 1.39
CA ARG A 56 -17.48 -25.35 1.67
C ARG A 56 -16.58 -26.05 2.68
N GLY A 57 -17.06 -27.19 3.18
CA GLY A 57 -16.26 -28.02 4.05
C GLY A 57 -16.00 -27.48 5.43
N LEU A 58 -16.79 -26.51 5.90
CA LEU A 58 -16.55 -26.01 7.25
C LEU A 58 -16.80 -27.08 8.29
N ASP A 59 -17.72 -28.01 8.02
CA ASP A 59 -18.02 -29.14 8.90
C ASP A 59 -17.72 -30.46 8.17
N VAL A 60 -16.61 -31.10 8.52
CA VAL A 60 -16.20 -32.33 7.85
C VAL A 60 -17.18 -33.47 8.12
N TYR A 61 -17.56 -33.68 9.38
CA TYR A 61 -18.48 -34.75 9.76
C TYR A 61 -19.90 -34.24 9.97
N ARG A 64 -23.43 -29.36 5.17
CA ARG A 64 -24.06 -28.17 5.73
C ARG A 64 -23.17 -26.91 5.69
N PHE A 65 -23.75 -25.77 6.08
CA PHE A 65 -23.04 -24.48 6.09
C PHE A 65 -22.54 -24.10 4.69
N ASP A 66 -23.43 -24.23 3.70
CA ASP A 66 -23.04 -24.12 2.30
C ASP A 66 -23.69 -22.92 1.59
N HIS A 67 -24.04 -21.87 2.33
CA HIS A 67 -24.78 -20.75 1.76
C HIS A 67 -24.00 -19.44 1.70
N LEU A 68 -22.70 -19.47 1.98
CA LEU A 68 -21.86 -18.28 1.97
C LEU A 68 -21.04 -18.21 0.68
N ARG A 69 -21.08 -17.05 0.04
CA ARG A 69 -20.30 -16.81 -1.16
C ARG A 69 -19.60 -15.46 -1.00
N LEU A 70 -18.32 -15.41 -1.36
CA LEU A 70 -17.58 -14.14 -1.34
C LEU A 70 -17.43 -13.64 -2.77
N ILE A 71 -17.55 -12.33 -2.93
CA ILE A 71 -17.35 -11.67 -4.20
C ILE A 71 -16.00 -10.98 -4.13
N ILE A 72 -15.11 -11.29 -5.08
CA ILE A 72 -13.74 -10.86 -5.01
C ILE A 72 -13.44 -10.06 -6.28
N GLU A 73 -12.99 -8.81 -6.11
CA GLU A 73 -12.56 -8.05 -7.27
C GLU A 73 -11.26 -8.66 -7.77
N GLN A 74 -11.22 -8.94 -9.07
CA GLN A 74 -10.15 -9.80 -9.58
C GLN A 74 -8.82 -9.05 -9.64
N ASN A 75 -8.83 -7.78 -10.06
CA ASN A 75 -7.56 -7.09 -10.30
C ASN A 75 -6.76 -6.89 -9.01
N ASN A 76 -7.40 -6.80 -7.85
CA ASN A 76 -6.65 -6.59 -6.62
C ASN A 76 -6.96 -7.62 -5.54
N LEU A 77 -7.68 -8.70 -5.87
CA LEU A 77 -8.03 -9.77 -4.92
C LEU A 77 -8.68 -9.22 -3.66
N ALA A 78 -9.43 -8.13 -3.79
CA ALA A 78 -10.10 -7.53 -2.65
C ALA A 78 -11.48 -8.15 -2.48
N VAL A 79 -11.89 -8.37 -1.24
CA VAL A 79 -13.23 -8.88 -0.98
C VAL A 79 -14.18 -7.70 -1.03
N ALA A 80 -15.09 -7.70 -2.01
CA ALA A 80 -16.01 -6.58 -2.15
C ALA A 80 -17.24 -6.74 -1.27
N GLY A 81 -17.44 -7.92 -0.71
CA GLY A 81 -18.64 -8.22 0.06
C GLY A 81 -18.92 -9.71 0.07
N PHE A 82 -20.06 -10.05 0.67
CA PHE A 82 -20.47 -11.43 0.83
C PHE A 82 -21.92 -11.62 0.42
N VAL A 83 -22.21 -12.80 -0.13
CA VAL A 83 -23.55 -13.13 -0.58
C VAL A 83 -24.11 -14.21 0.33
N ASN A 84 -25.31 -13.97 0.83
CA ASN A 84 -26.13 -14.99 1.46
C ASN A 84 -26.92 -15.64 0.32
N THR A 85 -26.56 -16.88 -0.04
CA THR A 85 -27.21 -17.50 -1.19
C THR A 85 -28.60 -17.99 -0.84
N ALA A 86 -28.91 -18.17 0.44
CA ALA A 86 -30.27 -18.54 0.82
C ALA A 86 -31.26 -17.41 0.55
N THR A 87 -30.89 -16.17 0.89
CA THR A 87 -31.73 -15.00 0.63
C THR A 87 -31.39 -14.29 -0.67
N ASN A 88 -30.34 -14.74 -1.37
CA ASN A 88 -29.91 -14.14 -2.64
C ASN A 88 -29.61 -12.65 -2.46
N THR A 89 -28.88 -12.34 -1.40
CA THR A 89 -28.58 -10.95 -1.05
C THR A 89 -27.08 -10.73 -0.96
N PHE A 90 -26.62 -9.71 -1.68
CA PHE A 90 -25.22 -9.31 -1.75
C PHE A 90 -25.01 -8.12 -0.83
N TYR A 91 -24.24 -8.30 0.24
CA TYR A 91 -23.89 -7.19 1.13
C TYR A 91 -22.54 -6.64 0.68
N ARG A 92 -22.55 -5.41 0.16
CA ARG A 92 -21.44 -4.80 -0.55
C ARG A 92 -20.85 -3.65 0.26
N PHE A 93 -19.54 -3.64 0.44
CA PHE A 93 -18.89 -2.57 1.19
C PHE A 93 -19.00 -1.24 0.44
N SER A 94 -18.93 -0.14 1.19
CA SER A 94 -19.14 1.19 0.63
C SER A 94 -18.03 1.63 -0.33
N ASP A 95 -16.87 0.98 -0.31
CA ASP A 95 -15.81 1.32 -1.25
C ASP A 95 -15.83 0.40 -2.48
N PHE A 96 -16.92 -0.34 -2.70
CA PHE A 96 -17.03 -1.22 -3.85
C PHE A 96 -18.33 -1.00 -4.62
N THR A 97 -18.83 0.24 -4.66
CA THR A 97 -20.05 0.50 -5.41
C THR A 97 -19.89 0.29 -6.93
N HIS A 98 -18.67 0.09 -7.43
CA HIS A 98 -18.43 -0.20 -8.84
C HIS A 98 -18.55 -1.70 -9.14
N ILE A 99 -18.77 -2.54 -8.14
CA ILE A 99 -18.96 -3.97 -8.34
C ILE A 99 -20.46 -4.21 -8.49
N SER A 100 -20.88 -4.52 -9.71
N SER A 100 -20.88 -4.51 -9.73
CA SER A 100 -22.29 -4.74 -10.04
CA SER A 100 -22.28 -4.75 -10.05
C SER A 100 -22.51 -6.21 -10.35
C SER A 100 -22.47 -6.23 -10.33
N VAL A 101 -23.28 -6.89 -9.51
CA VAL A 101 -23.54 -8.32 -9.63
C VAL A 101 -25.01 -8.48 -10.03
N PRO A 102 -25.30 -8.93 -11.25
CA PRO A 102 -26.69 -9.12 -11.66
C PRO A 102 -27.30 -10.35 -11.00
N GLY A 103 -28.61 -10.31 -10.86
CA GLY A 103 -29.34 -11.45 -10.34
C GLY A 103 -29.31 -11.62 -8.83
N VAL A 104 -28.78 -10.65 -8.10
CA VAL A 104 -28.82 -10.67 -6.64
C VAL A 104 -29.39 -9.33 -6.18
N THR A 105 -30.02 -9.35 -5.01
CA THR A 105 -30.35 -8.10 -4.34
C THR A 105 -29.07 -7.54 -3.71
N THR A 106 -28.71 -6.31 -4.07
CA THR A 106 -27.51 -5.67 -3.57
C THR A 106 -27.88 -4.73 -2.43
N VAL A 107 -27.32 -4.96 -1.25
CA VAL A 107 -27.44 -4.04 -0.13
C VAL A 107 -26.14 -3.24 -0.04
N SER A 108 -26.19 -1.95 -0.35
CA SER A 108 -25.02 -1.09 -0.23
C SER A 108 -24.83 -0.71 1.23
N MET A 109 -23.72 -1.13 1.81
CA MET A 109 -23.50 -0.91 3.23
C MET A 109 -22.80 0.42 3.47
N THR A 110 -23.01 0.97 4.69
CA THR A 110 -22.37 2.21 5.08
C THR A 110 -20.90 2.02 5.44
N THR A 111 -20.48 0.79 5.69
CA THR A 111 -19.16 0.43 6.19
C THR A 111 -18.23 0.13 5.02
N ASP A 112 -17.00 0.62 5.10
CA ASP A 112 -15.98 0.27 4.12
C ASP A 112 -15.20 -0.96 4.55
N SER A 113 -14.37 -1.47 3.62
CA SER A 113 -13.67 -2.74 3.80
C SER A 113 -12.32 -2.61 4.48
N SER A 114 -11.85 -1.41 4.81
CA SER A 114 -10.49 -1.28 5.32
C SER A 114 -10.34 -2.04 6.64
N TYR A 115 -9.10 -2.48 6.89
CA TYR A 115 -8.79 -3.13 8.16
C TYR A 115 -9.00 -2.18 9.34
N THR A 116 -8.69 -0.89 9.17
CA THR A 116 -8.91 0.05 10.26
C THR A 116 -10.37 0.07 10.68
N THR A 117 -11.28 0.18 9.71
CA THR A 117 -12.71 0.16 10.02
C THR A 117 -13.14 -1.18 10.61
N LEU A 118 -12.78 -2.28 9.96
CA LEU A 118 -13.24 -3.60 10.41
C LEU A 118 -12.74 -3.91 11.81
N GLN A 119 -11.47 -3.58 12.10
CA GLN A 119 -10.94 -3.84 13.44
C GLN A 119 -11.61 -2.95 14.48
N ARG A 120 -12.01 -1.74 14.12
N ARG A 120 -12.05 -1.75 14.09
CA ARG A 120 -12.74 -0.88 15.06
CA ARG A 120 -12.73 -0.85 15.01
C ARG A 120 -14.09 -1.49 15.40
C ARG A 120 -14.12 -1.36 15.38
N VAL A 121 -14.88 -1.83 14.39
CA VAL A 121 -16.23 -2.34 14.64
C VAL A 121 -16.15 -3.70 15.35
N ALA A 122 -15.20 -4.53 14.94
CA ALA A 122 -15.03 -5.86 15.52
C ALA A 122 -14.43 -5.81 16.91
N ALA A 123 -13.84 -4.67 17.31
CA ALA A 123 -13.06 -4.56 18.54
C ALA A 123 -12.03 -5.68 18.65
N LEU A 124 -11.27 -5.87 17.57
CA LEU A 124 -10.34 -6.99 17.46
C LEU A 124 -9.13 -6.59 16.61
N GLU A 125 -7.93 -6.78 17.15
CA GLU A 125 -6.70 -6.52 16.40
C GLU A 125 -6.25 -7.77 15.65
N ARG A 126 -5.86 -7.59 14.38
CA ARG A 126 -5.46 -8.76 13.59
C ARG A 126 -4.23 -9.41 14.16
N SER A 127 -3.31 -8.62 14.72
CA SER A 127 -2.10 -9.17 15.29
C SER A 127 -2.45 -9.90 16.58
N GLY A 128 -2.26 -11.22 16.59
CA GLY A 128 -2.72 -12.04 17.70
C GLY A 128 -4.12 -12.61 17.53
N MET A 129 -4.81 -12.28 16.44
CA MET A 129 -6.12 -12.86 16.15
C MET A 129 -6.02 -14.38 16.00
N GLN A 130 -6.94 -15.09 16.64
CA GLN A 130 -7.00 -16.54 16.53
C GLN A 130 -8.02 -16.94 15.48
N ILE A 131 -7.69 -17.96 14.69
CA ILE A 131 -8.62 -18.54 13.74
C ILE A 131 -8.56 -20.04 13.89
N SER A 132 -9.71 -20.67 14.14
CA SER A 132 -9.83 -22.12 14.22
C SER A 132 -11.01 -22.55 13.35
N ARG A 133 -11.16 -23.85 13.19
CA ARG A 133 -12.32 -24.34 12.44
C ARG A 133 -13.62 -23.89 13.10
N HIS A 134 -13.71 -24.00 14.42
CA HIS A 134 -14.97 -23.62 15.07
C HIS A 134 -15.25 -22.14 14.91
N SER A 135 -14.22 -21.29 14.81
CA SER A 135 -14.50 -19.87 14.65
C SER A 135 -14.82 -19.51 13.20
N LEU A 136 -14.46 -20.35 12.21
CA LEU A 136 -14.95 -20.13 10.86
C LEU A 136 -16.41 -20.58 10.72
N VAL A 137 -16.79 -21.67 11.40
CA VAL A 137 -18.21 -22.00 11.45
C VAL A 137 -18.98 -20.88 12.13
N SER A 138 -18.44 -20.34 13.22
CA SER A 138 -19.09 -19.24 13.91
C SER A 138 -19.17 -17.99 13.01
N SER A 139 -18.10 -17.70 12.27
CA SER A 139 -18.12 -16.58 11.33
C SER A 139 -19.14 -16.80 10.22
N TYR A 140 -19.25 -18.02 9.70
CA TYR A 140 -20.27 -18.32 8.70
C TYR A 140 -21.66 -17.97 9.22
N LEU A 141 -21.98 -18.39 10.45
CA LEU A 141 -23.31 -18.19 11.01
C LEU A 141 -23.60 -16.71 11.24
N ALA A 142 -22.60 -15.93 11.66
CA ALA A 142 -22.80 -14.49 11.80
C ALA A 142 -23.15 -13.85 10.45
N LEU A 143 -22.51 -14.31 9.38
CA LEU A 143 -22.75 -13.70 8.07
C LEU A 143 -24.11 -14.12 7.52
N MET A 144 -24.54 -15.36 7.79
CA MET A 144 -25.85 -15.83 7.37
C MET A 144 -26.98 -15.19 8.16
N GLU A 145 -26.70 -14.78 9.41
CA GLU A 145 -27.64 -14.10 10.27
C GLU A 145 -27.72 -12.60 9.95
N PHE A 146 -26.73 -12.07 9.24
CA PHE A 146 -26.63 -10.62 9.07
C PHE A 146 -27.75 -10.08 8.18
N SER A 147 -28.23 -8.88 8.53
CA SER A 147 -29.09 -8.12 7.64
C SER A 147 -28.91 -6.63 7.93
N GLY A 148 -29.51 -5.80 7.08
CA GLY A 148 -29.35 -4.36 7.21
C GLY A 148 -28.12 -3.87 6.49
N ASN A 149 -27.86 -2.56 6.60
CA ASN A 149 -26.82 -1.95 5.78
C ASN A 149 -25.65 -1.43 6.60
N THR A 150 -25.49 -1.89 7.84
CA THR A 150 -24.41 -1.43 8.71
C THR A 150 -23.78 -2.62 9.41
N MET A 151 -22.49 -2.80 9.20
CA MET A 151 -21.79 -3.95 9.77
C MET A 151 -21.81 -3.90 11.29
N THR A 152 -21.94 -5.08 11.90
CA THR A 152 -21.95 -5.26 13.34
C THR A 152 -20.59 -5.80 13.80
N ARG A 153 -20.43 -5.92 15.12
CA ARG A 153 -19.23 -6.52 15.67
C ARG A 153 -19.04 -7.93 15.14
N ASP A 154 -20.07 -8.77 15.26
CA ASP A 154 -19.92 -10.16 14.86
C ASP A 154 -19.70 -10.29 13.35
N ALA A 155 -20.41 -9.49 12.56
CA ALA A 155 -20.18 -9.55 11.12
C ALA A 155 -18.75 -9.14 10.77
N SER A 156 -18.21 -8.14 11.48
CA SER A 156 -16.88 -7.64 11.13
C SER A 156 -15.79 -8.62 11.54
N ARG A 157 -15.96 -9.28 12.69
CA ARG A 157 -15.03 -10.36 13.06
C ARG A 157 -15.04 -11.46 12.01
N ALA A 158 -16.23 -11.86 11.55
CA ALA A 158 -16.34 -12.88 10.51
C ALA A 158 -15.62 -12.48 9.24
N VAL A 159 -15.82 -11.24 8.79
CA VAL A 159 -15.11 -10.78 7.60
C VAL A 159 -13.60 -10.80 7.82
N LEU A 160 -13.13 -10.32 8.98
CA LEU A 160 -11.68 -10.33 9.21
C LEU A 160 -11.11 -11.74 9.09
N ARG A 161 -11.80 -12.72 9.67
CA ARG A 161 -11.35 -14.10 9.60
C ARG A 161 -11.43 -14.68 8.19
N PHE A 162 -12.54 -14.44 7.47
CA PHE A 162 -12.64 -15.04 6.13
C PHE A 162 -11.71 -14.37 5.13
N VAL A 163 -11.50 -13.04 5.24
CA VAL A 163 -10.57 -12.39 4.32
C VAL A 163 -9.16 -12.93 4.54
N THR A 164 -8.79 -13.22 5.80
CA THR A 164 -7.46 -13.73 6.07
C THR A 164 -7.21 -15.09 5.39
N VAL A 165 -8.16 -16.01 5.54
CA VAL A 165 -7.92 -17.37 5.06
C VAL A 165 -8.30 -17.57 3.59
N THR A 166 -8.87 -16.55 2.94
CA THR A 166 -9.17 -16.68 1.52
C THR A 166 -8.25 -15.73 0.75
N ALA A 167 -8.59 -14.44 0.72
CA ALA A 167 -7.83 -13.50 -0.10
C ALA A 167 -6.38 -13.36 0.37
N GLU A 168 -6.13 -13.23 1.68
CA GLU A 168 -4.75 -13.06 2.09
C GLU A 168 -3.96 -14.36 1.95
N ALA A 169 -4.59 -15.52 2.17
CA ALA A 169 -3.89 -16.78 1.90
C ALA A 169 -3.62 -16.97 0.42
N LEU A 170 -4.53 -16.49 -0.44
CA LEU A 170 -4.29 -16.55 -1.87
C LEU A 170 -3.04 -15.78 -2.25
N ARG A 171 -2.90 -14.55 -1.72
CA ARG A 171 -1.72 -13.71 -1.98
C ARG A 171 -0.45 -14.31 -1.40
N PHE A 172 -0.52 -14.84 -0.18
CA PHE A 172 0.67 -15.13 0.60
C PHE A 172 0.71 -16.61 0.98
N ARG A 173 1.64 -17.34 0.36
CA ARG A 173 1.86 -18.74 0.70
C ARG A 173 2.19 -18.90 2.18
N GLN A 174 2.82 -17.89 2.78
CA GLN A 174 3.13 -17.96 4.21
C GLN A 174 1.86 -18.09 5.04
N ILE A 175 0.80 -17.37 4.67
CA ILE A 175 -0.42 -17.41 5.48
C ILE A 175 -1.16 -18.72 5.25
N GLN A 176 -1.27 -19.15 3.99
CA GLN A 176 -1.80 -20.47 3.68
C GLN A 176 -1.11 -21.55 4.51
N ARG A 177 0.22 -21.56 4.50
CA ARG A 177 0.97 -22.63 5.16
C ARG A 177 0.76 -22.60 6.67
N GLU A 178 0.75 -21.40 7.27
CA GLU A 178 0.57 -21.31 8.72
C GLU A 178 -0.86 -21.63 9.12
N PHE A 179 -1.85 -21.29 8.29
CA PHE A 179 -3.24 -21.49 8.67
C PHE A 179 -3.70 -22.94 8.45
N ARG A 180 -3.22 -23.62 7.40
CA ARG A 180 -3.82 -24.90 7.05
C ARG A 180 -3.77 -25.92 8.18
N GLN A 181 -2.82 -25.79 9.11
CA GLN A 181 -2.75 -26.68 10.28
C GLN A 181 -4.06 -26.70 11.06
N ALA A 182 -4.76 -25.56 11.11
CA ALA A 182 -6.01 -25.49 11.85
C ALA A 182 -7.08 -26.40 11.26
N LEU A 183 -6.92 -26.86 10.03
CA LEU A 183 -7.90 -27.73 9.39
C LEU A 183 -7.71 -29.20 9.72
N SER A 184 -6.69 -29.56 10.49
CA SER A 184 -6.42 -30.98 10.77
C SER A 184 -7.39 -31.49 11.85
N GLU A 185 -7.29 -32.79 12.14
CA GLU A 185 -8.33 -33.48 12.89
C GLU A 185 -8.38 -33.11 14.38
N THR A 186 -7.31 -32.50 14.92
CA THR A 186 -7.34 -32.01 16.30
C THR A 186 -7.69 -30.54 16.39
N ALA A 187 -7.81 -29.86 15.27
CA ALA A 187 -8.20 -28.46 15.21
C ALA A 187 -7.32 -27.57 16.10
N PRO A 188 -6.02 -27.51 15.86
CA PRO A 188 -5.19 -26.49 16.53
C PRO A 188 -5.61 -25.09 16.10
N VAL A 189 -5.08 -24.10 16.79
CA VAL A 189 -5.44 -22.70 16.54
C VAL A 189 -4.34 -22.05 15.72
N TYR A 190 -4.73 -21.33 14.67
CA TYR A 190 -3.85 -20.41 13.97
C TYR A 190 -3.90 -19.06 14.67
N THR A 191 -2.75 -18.56 15.10
CA THR A 191 -2.63 -17.20 15.63
C THR A 191 -1.89 -16.37 14.59
N MET A 192 -2.54 -15.31 14.09
CA MET A 192 -1.87 -14.42 13.15
C MET A 192 -0.76 -13.66 13.85
N THR A 193 0.43 -13.58 13.20
CA THR A 193 1.57 -12.94 13.83
C THR A 193 1.73 -11.51 13.34
N PRO A 194 2.55 -10.71 14.04
CA PRO A 194 2.91 -9.39 13.50
C PRO A 194 3.55 -9.45 12.13
N GLY A 195 4.33 -10.50 11.85
CA GLY A 195 4.88 -10.68 10.52
C GLY A 195 3.83 -10.94 9.46
N ASP A 196 2.81 -11.76 9.79
CA ASP A 196 1.70 -11.94 8.84
C ASP A 196 1.04 -10.61 8.52
N VAL A 197 0.76 -9.81 9.56
CA VAL A 197 0.06 -8.54 9.35
C VAL A 197 0.90 -7.61 8.48
N ASP A 198 2.21 -7.57 8.73
CA ASP A 198 3.10 -6.71 7.95
C ASP A 198 3.11 -7.11 6.48
N LEU A 199 3.06 -8.42 6.19
CA LEU A 199 2.96 -8.86 4.80
C LEU A 199 1.73 -8.28 4.13
N THR A 200 0.58 -8.41 4.79
CA THR A 200 -0.65 -7.94 4.16
C THR A 200 -0.61 -6.43 3.94
N LEU A 201 0.05 -5.69 4.83
CA LEU A 201 0.11 -4.25 4.66
C LEU A 201 1.12 -3.82 3.59
N ASN A 202 1.95 -4.73 3.09
CA ASN A 202 2.97 -4.39 2.11
C ASN A 202 2.80 -5.11 0.78
N TRP A 203 1.60 -5.61 0.49
CA TRP A 203 1.40 -6.39 -0.73
C TRP A 203 1.64 -5.55 -1.97
N GLY A 204 1.15 -4.30 -1.96
CA GLY A 204 1.35 -3.42 -3.10
C GLY A 204 2.83 -3.20 -3.40
N ARG A 205 3.60 -2.82 -2.38
CA ARG A 205 5.04 -2.59 -2.59
C ARG A 205 5.75 -3.87 -3.01
N ILE A 206 5.40 -5.01 -2.41
CA ILE A 206 6.01 -6.28 -2.82
C ILE A 206 5.68 -6.56 -4.28
N SER A 207 4.44 -6.28 -4.70
CA SER A 207 4.03 -6.50 -6.07
C SER A 207 4.83 -5.66 -7.05
N ASN A 208 5.29 -4.48 -6.63
CA ASN A 208 6.01 -3.54 -7.50
C ASN A 208 7.46 -3.95 -7.73
N VAL A 209 8.09 -4.66 -6.79
CA VAL A 209 9.51 -4.96 -6.90
C VAL A 209 9.78 -6.34 -7.51
N LEU A 210 8.93 -7.33 -7.24
CA LEU A 210 9.24 -8.69 -7.67
C LEU A 210 9.38 -8.87 -9.18
N PRO A 211 8.59 -8.22 -10.05
CA PRO A 211 8.82 -8.41 -11.50
C PRO A 211 10.19 -7.96 -11.96
N GLU A 212 10.90 -7.15 -11.17
CA GLU A 212 12.26 -6.72 -11.51
C GLU A 212 13.33 -7.66 -10.95
N TYR A 213 12.97 -8.58 -10.06
CA TYR A 213 13.94 -9.48 -9.50
C TYR A 213 14.57 -10.34 -10.60
N ARG A 214 15.90 -10.41 -10.61
CA ARG A 214 16.63 -11.20 -11.58
C ARG A 214 17.61 -12.11 -10.86
N GLY A 215 17.89 -13.25 -11.47
CA GLY A 215 18.88 -14.16 -10.92
C GLY A 215 18.48 -14.65 -9.54
N GLU A 216 19.39 -14.48 -8.59
CA GLU A 216 19.25 -15.06 -7.26
C GLU A 216 19.47 -13.96 -6.22
N ASP A 217 19.68 -14.40 -4.98
CA ASP A 217 20.03 -13.55 -3.84
C ASP A 217 18.86 -12.68 -3.41
N GLY A 218 19.14 -11.66 -2.62
CA GLY A 218 18.11 -11.02 -1.82
C GLY A 218 17.38 -9.90 -2.52
N VAL A 219 16.26 -9.52 -1.90
CA VAL A 219 15.52 -8.30 -2.20
C VAL A 219 14.92 -7.79 -0.91
N ARG A 220 14.87 -6.47 -0.76
CA ARG A 220 14.30 -5.81 0.41
C ARG A 220 13.24 -4.81 -0.01
N VAL A 221 12.11 -4.84 0.69
CA VAL A 221 11.03 -3.86 0.54
C VAL A 221 10.75 -3.36 1.96
N GLY A 222 11.25 -2.18 2.29
CA GLY A 222 11.09 -1.69 3.66
C GLY A 222 11.74 -2.63 4.66
N ARG A 223 10.94 -3.10 5.63
CA ARG A 223 11.42 -4.05 6.62
C ARG A 223 11.33 -5.50 6.15
N ILE A 224 10.64 -5.76 5.05
CA ILE A 224 10.51 -7.11 4.49
C ILE A 224 11.79 -7.47 3.74
N SER A 225 12.42 -8.56 4.15
CA SER A 225 13.70 -8.98 3.59
C SER A 225 13.60 -10.44 3.16
N PHE A 226 13.89 -10.70 1.89
CA PHE A 226 13.94 -12.06 1.35
C PHE A 226 15.39 -12.37 0.99
N ASN A 227 15.96 -13.41 1.60
CA ASN A 227 17.38 -13.64 1.38
C ASN A 227 17.68 -14.36 0.08
N ASN A 228 16.68 -14.96 -0.55
CA ASN A 228 16.90 -15.81 -1.71
C ASN A 228 15.53 -16.19 -2.26
N ILE A 229 15.53 -16.84 -3.43
CA ILE A 229 14.27 -17.09 -4.10
C ILE A 229 13.38 -18.04 -3.28
N SER A 230 13.99 -18.96 -2.52
CA SER A 230 13.20 -19.84 -1.67
C SER A 230 12.44 -19.06 -0.59
N ALA A 231 13.09 -18.04 0.01
CA ALA A 231 12.37 -17.18 0.94
C ALA A 231 11.19 -16.50 0.26
N ILE A 232 11.38 -16.02 -0.97
CA ILE A 232 10.29 -15.40 -1.70
C ILE A 232 9.16 -16.39 -1.92
N LEU A 233 9.49 -17.57 -2.48
CA LEU A 233 8.47 -18.57 -2.78
C LEU A 233 7.78 -19.08 -1.53
N GLY A 234 8.52 -19.21 -0.41
CA GLY A 234 7.88 -19.61 0.82
C GLY A 234 6.88 -18.61 1.35
N THR A 235 6.96 -17.36 0.90
CA THR A 235 6.20 -16.26 1.44
C THR A 235 5.10 -15.75 0.51
N VAL A 236 5.44 -15.45 -0.75
CA VAL A 236 4.54 -14.77 -1.67
C VAL A 236 4.08 -15.73 -2.76
N ALA A 237 2.77 -15.76 -3.03
CA ALA A 237 2.24 -16.59 -4.11
C ALA A 237 1.72 -15.78 -5.31
N VAL A 238 0.98 -14.69 -5.09
CA VAL A 238 0.31 -13.94 -6.15
C VAL A 238 0.51 -12.45 -5.91
N ILE A 239 0.83 -11.70 -6.97
CA ILE A 239 1.07 -10.26 -6.85
C ILE A 239 0.21 -9.49 -7.85
N LEU A 240 0.01 -8.21 -7.55
CA LEU A 240 -0.66 -7.29 -8.45
C LEU A 240 0.10 -7.17 -9.76
N ASN A 241 -0.65 -6.80 -10.80
CA ASN A 241 -0.13 -6.61 -12.15
C ASN A 241 -0.05 -5.10 -12.39
N CYS A 242 1.13 -4.52 -12.11
CA CYS A 242 1.35 -3.10 -12.37
C CYS A 242 2.47 -2.91 -13.39
N MET B 1 22.28 12.95 -14.44
CA MET B 1 20.95 12.62 -13.97
C MET B 1 20.06 13.84 -14.11
N ARG B 2 18.74 13.63 -14.22
CA ARG B 2 17.80 14.74 -14.19
C ARG B 2 17.80 15.40 -12.81
N GLU B 3 17.59 16.71 -12.81
CA GLU B 3 17.83 17.56 -11.65
C GLU B 3 16.71 18.57 -11.53
N PHE B 4 16.17 18.70 -10.32
CA PHE B 4 15.15 19.68 -9.98
C PHE B 4 15.56 20.38 -8.68
N THR B 5 15.15 21.62 -8.53
CA THR B 5 15.36 22.38 -7.30
C THR B 5 14.02 22.57 -6.60
N ILE B 6 14.00 22.37 -5.29
CA ILE B 6 12.89 22.79 -4.45
C ILE B 6 13.39 23.97 -3.63
N ASP B 7 12.81 25.15 -3.89
CA ASP B 7 13.27 26.40 -3.31
C ASP B 7 12.30 26.80 -2.21
N PHE B 8 12.78 26.77 -0.96
CA PHE B 8 11.99 27.05 0.23
C PHE B 8 12.03 28.52 0.65
N SER B 9 12.56 29.41 -0.21
CA SER B 9 12.69 30.83 0.12
C SER B 9 11.37 31.43 0.60
N THR B 10 10.28 31.20 -0.15
CA THR B 10 8.96 31.75 0.15
C THR B 10 7.91 30.67 -0.13
N GLN B 11 6.68 30.91 0.35
CA GLN B 11 5.56 30.06 -0.05
C GLN B 11 5.47 29.96 -1.57
N GLN B 12 5.67 31.08 -2.24
CA GLN B 12 5.50 31.14 -3.69
C GLN B 12 6.55 30.28 -4.40
N SER B 13 7.82 30.41 -3.99
CA SER B 13 8.87 29.65 -4.67
C SER B 13 8.73 28.16 -4.39
N TYR B 14 8.24 27.81 -3.19
CA TYR B 14 8.00 26.42 -2.84
C TYR B 14 6.90 25.81 -3.70
N VAL B 15 5.73 26.46 -3.75
CA VAL B 15 4.64 25.94 -4.57
C VAL B 15 5.07 25.85 -6.03
N SER B 16 5.77 26.87 -6.53
CA SER B 16 6.15 26.84 -7.94
C SER B 16 7.22 25.78 -8.21
N SER B 17 8.10 25.50 -7.24
CA SER B 17 9.01 24.35 -7.37
C SER B 17 8.25 23.04 -7.54
N LEU B 18 7.28 22.79 -6.66
CA LEU B 18 6.56 21.52 -6.73
C LEU B 18 5.80 21.41 -8.05
N ASN B 19 5.15 22.51 -8.47
CA ASN B 19 4.37 22.48 -9.72
C ASN B 19 5.27 22.21 -10.92
N SER B 20 6.46 22.83 -10.95
CA SER B 20 7.41 22.56 -12.03
C SER B 20 7.81 21.10 -12.08
N ILE B 21 8.13 20.50 -10.93
CA ILE B 21 8.50 19.09 -10.90
C ILE B 21 7.34 18.23 -11.42
N ARG B 22 6.13 18.49 -10.92
CA ARG B 22 4.97 17.71 -11.34
C ARG B 22 4.75 17.76 -12.85
N THR B 23 4.90 18.95 -13.45
CA THR B 23 4.71 19.09 -14.88
C THR B 23 5.69 18.24 -15.69
N GLU B 24 6.89 18.01 -15.14
CA GLU B 24 7.93 17.28 -15.85
C GLU B 24 7.88 15.78 -15.64
N ILE B 25 7.43 15.32 -14.46
CA ILE B 25 7.48 13.90 -14.15
C ILE B 25 6.12 13.22 -14.24
N SER B 26 5.05 13.97 -14.53
CA SER B 26 3.71 13.38 -14.56
C SER B 26 2.86 14.07 -15.62
N THR B 27 1.76 13.40 -16.01
CA THR B 27 0.88 13.88 -17.07
C THR B 27 -0.56 13.95 -16.57
N PRO B 28 -1.26 15.07 -16.76
CA PRO B 28 -2.62 15.22 -16.21
C PRO B 28 -3.59 14.16 -16.69
N LEU B 29 -4.43 13.68 -15.76
CA LEU B 29 -5.61 12.90 -16.11
C LEU B 29 -6.67 13.81 -16.71
N GLU B 30 -7.20 13.41 -17.86
CA GLU B 30 -8.19 14.23 -18.54
C GLU B 30 -9.44 14.43 -17.70
N HIS B 31 -9.93 13.36 -17.07
CA HIS B 31 -11.21 13.41 -16.39
C HIS B 31 -11.13 13.98 -14.98
N ILE B 32 -9.94 14.27 -14.45
CA ILE B 32 -9.88 14.88 -13.12
C ILE B 32 -9.11 16.19 -13.22
N SER B 33 -9.75 17.23 -13.72
CA SER B 33 -9.10 18.51 -13.97
C SER B 33 -10.11 19.63 -13.84
N GLN B 34 -9.65 20.77 -13.35
CA GLN B 34 -10.47 21.98 -13.29
C GLN B 34 -9.54 23.17 -13.36
N GLY B 35 -9.72 24.00 -14.38
CA GLY B 35 -8.79 25.09 -14.59
C GLY B 35 -7.44 24.51 -14.90
N THR B 36 -6.42 25.04 -14.24
CA THR B 36 -5.05 24.57 -14.43
C THR B 36 -4.67 23.47 -13.46
N THR B 37 -5.59 23.05 -12.59
CA THR B 37 -5.33 22.06 -11.55
C THR B 37 -5.84 20.69 -12.01
N SER B 38 -5.00 19.68 -11.85
CA SER B 38 -5.38 18.33 -12.24
C SER B 38 -4.78 17.34 -11.25
N VAL B 39 -5.29 16.11 -11.28
CA VAL B 39 -4.54 14.96 -10.78
C VAL B 39 -3.73 14.41 -11.94
N SER B 40 -2.45 14.15 -11.70
CA SER B 40 -1.50 13.70 -12.72
C SER B 40 -0.95 12.31 -12.40
N VAL B 41 -0.63 11.57 -13.45
CA VAL B 41 -0.07 10.22 -13.35
C VAL B 41 1.43 10.28 -13.64
N ILE B 42 2.24 9.72 -12.73
CA ILE B 42 3.69 9.67 -12.92
C ILE B 42 4.00 9.03 -14.27
N ASN B 43 4.86 9.68 -15.04
CA ASN B 43 5.29 9.12 -16.32
C ASN B 43 6.05 7.82 -16.09
N HIS B 44 5.76 6.81 -16.90
CA HIS B 44 6.44 5.53 -16.74
C HIS B 44 7.84 5.59 -17.35
N THR B 45 8.87 5.47 -16.52
CA THR B 45 10.27 5.42 -16.93
C THR B 45 10.83 4.00 -16.79
N PRO B 46 12.01 3.71 -17.36
CA PRO B 46 12.58 2.38 -17.19
C PRO B 46 12.86 2.09 -15.73
N PRO B 47 12.88 0.80 -15.34
CA PRO B 47 13.05 0.47 -13.91
C PRO B 47 14.36 1.00 -13.36
N GLY B 48 14.30 1.54 -12.15
CA GLY B 48 15.48 2.08 -11.49
C GLY B 48 15.81 3.51 -11.83
N SER B 49 15.02 4.17 -12.68
CA SER B 49 15.22 5.59 -12.97
C SER B 49 14.98 6.44 -11.73
N TYR B 50 15.77 7.50 -11.60
CA TYR B 50 15.65 8.38 -10.44
C TYR B 50 15.96 9.80 -10.90
N PHE B 51 15.60 10.76 -10.05
CA PHE B 51 16.03 12.12 -10.26
C PHE B 51 16.54 12.68 -8.93
N ALA B 52 17.30 13.77 -9.03
CA ALA B 52 17.83 14.46 -7.85
C ALA B 52 16.97 15.68 -7.54
N VAL B 53 16.81 15.94 -6.26
CA VAL B 53 16.16 17.15 -5.76
C VAL B 53 17.19 17.92 -4.94
N ASP B 54 17.55 19.10 -5.41
CA ASP B 54 18.44 19.99 -4.67
C ASP B 54 17.63 20.93 -3.80
N ILE B 55 17.97 20.99 -2.51
CA ILE B 55 17.28 21.78 -1.51
C ILE B 55 17.89 23.18 -1.45
N ARG B 56 17.06 24.21 -1.63
CA ARG B 56 17.52 25.59 -1.64
C ARG B 56 16.55 26.47 -0.86
N GLY B 57 17.02 27.66 -0.48
CA GLY B 57 16.18 28.66 0.13
C GLY B 57 15.79 28.42 1.58
N LEU B 58 16.52 27.58 2.31
CA LEU B 58 16.14 27.26 3.68
C LEU B 58 16.21 28.49 4.61
N ASP B 59 17.18 29.37 4.43
CA ASP B 59 17.27 30.57 5.29
C ASP B 59 17.72 31.78 4.48
N VAL B 60 18.32 32.77 5.18
CA VAL B 60 18.82 33.98 4.53
C VAL B 60 20.01 33.59 3.66
N TYR B 61 20.57 34.56 2.94
CA TYR B 61 21.71 34.35 2.04
C TYR B 61 21.48 33.15 1.11
N ALA B 63 24.44 31.98 0.33
CA ALA B 63 25.06 30.74 -0.11
C ALA B 63 24.62 29.57 0.75
N ARG B 64 23.95 29.85 1.87
CA ARG B 64 24.00 28.89 2.95
C ARG B 64 22.93 27.80 2.84
N PHE B 65 23.29 26.63 3.36
CA PHE B 65 22.42 25.48 3.49
C PHE B 65 22.05 24.91 2.12
N ASP B 66 23.05 24.81 1.24
CA ASP B 66 22.83 24.41 -0.16
C ASP B 66 23.62 23.17 -0.54
N HIS B 67 23.93 22.29 0.41
CA HIS B 67 24.70 21.07 0.11
C HIS B 67 23.89 19.80 0.25
N LEU B 68 22.57 19.88 0.37
CA LEU B 68 21.72 18.70 0.53
C LEU B 68 21.00 18.40 -0.79
N ARG B 69 21.07 17.14 -1.20
CA ARG B 69 20.41 16.66 -2.39
C ARG B 69 19.70 15.36 -2.05
N LEU B 70 18.42 15.24 -2.40
CA LEU B 70 17.68 14.00 -2.19
C LEU B 70 17.62 13.22 -3.50
N ILE B 71 17.74 11.89 -3.43
CA ILE B 71 17.66 11.04 -4.62
C ILE B 71 16.30 10.33 -4.61
N ILE B 72 15.51 10.52 -5.64
CA ILE B 72 14.11 10.08 -5.64
C ILE B 72 13.89 9.12 -6.81
N GLU B 73 13.44 7.90 -6.50
CA GLU B 73 13.12 6.95 -7.56
C GLU B 73 11.82 7.38 -8.22
N GLN B 74 11.80 7.49 -9.56
CA GLN B 74 10.70 8.23 -10.18
C GLN B 74 9.38 7.45 -10.11
N ASN B 75 9.39 6.16 -10.45
CA ASN B 75 8.11 5.47 -10.66
C ASN B 75 7.26 5.40 -9.39
N ASN B 76 7.87 5.44 -8.21
CA ASN B 76 7.11 5.42 -6.96
C ASN B 76 7.36 6.63 -6.06
N LEU B 77 8.10 7.64 -6.53
CA LEU B 77 8.46 8.84 -5.76
C LEU B 77 9.11 8.50 -4.42
N ALA B 78 9.84 7.39 -4.34
CA ALA B 78 10.44 7.00 -3.07
C ALA B 78 11.79 7.67 -2.93
N VAL B 79 12.06 8.17 -1.73
CA VAL B 79 13.37 8.75 -1.41
C VAL B 79 14.32 7.57 -1.21
N ALA B 80 15.33 7.46 -2.08
CA ALA B 80 16.31 6.38 -1.99
C ALA B 80 17.42 6.70 -1.00
N GLY B 81 17.59 7.98 -0.68
CA GLY B 81 18.62 8.42 0.24
C GLY B 81 18.90 9.89 0.01
N PHE B 82 20.01 10.36 0.59
CA PHE B 82 20.40 11.76 0.49
C PHE B 82 21.88 11.87 0.19
N VAL B 83 22.24 12.93 -0.54
CA VAL B 83 23.62 13.20 -0.93
C VAL B 83 24.10 14.45 -0.19
N ASN B 84 25.23 14.33 0.47
CA ASN B 84 25.98 15.46 0.99
C ASN B 84 26.95 15.88 -0.12
N THR B 85 26.60 16.96 -0.84
CA THR B 85 27.41 17.37 -1.98
C THR B 85 28.70 18.04 -1.57
N ALA B 86 28.83 18.44 -0.30
CA ALA B 86 30.11 18.98 0.14
C ALA B 86 31.14 17.88 0.32
N THR B 87 30.74 16.71 0.82
CA THR B 87 31.63 15.57 0.95
C THR B 87 31.48 14.57 -0.20
N ASN B 88 30.56 14.81 -1.13
CA ASN B 88 30.30 13.93 -2.27
C ASN B 88 29.97 12.50 -1.81
N THR B 89 29.01 12.39 -0.90
CA THR B 89 28.68 11.10 -0.31
C THR B 89 27.17 10.86 -0.41
N PHE B 90 26.82 9.71 -0.97
CA PHE B 90 25.43 9.29 -1.15
C PHE B 90 25.12 8.24 -0.07
N TYR B 91 24.30 8.63 0.91
CA TYR B 91 23.83 7.70 1.94
C TYR B 91 22.54 7.05 1.44
N ARG B 92 22.61 5.74 1.17
CA ARG B 92 21.57 4.99 0.47
C ARG B 92 20.89 4.00 1.41
N PHE B 93 19.55 4.04 1.46
CA PHE B 93 18.80 3.08 2.29
C PHE B 93 18.98 1.65 1.81
N SER B 94 18.84 0.71 2.75
CA SER B 94 19.13 -0.70 2.48
C SER B 94 18.14 -1.33 1.51
N ASP B 95 16.97 -0.72 1.31
CA ASP B 95 16.02 -1.23 0.33
C ASP B 95 16.16 -0.57 -1.04
N PHE B 96 17.28 0.14 -1.30
CA PHE B 96 17.48 0.83 -2.58
C PHE B 96 18.84 0.53 -3.20
N THR B 97 19.36 -0.68 -3.01
CA THR B 97 20.66 -1.00 -3.58
C THR B 97 20.63 -1.09 -5.10
N HIS B 98 19.45 -0.99 -5.71
CA HIS B 98 19.32 -0.93 -7.16
C HIS B 98 19.46 0.49 -7.71
N ILE B 99 19.58 1.49 -6.83
CA ILE B 99 19.78 2.88 -7.24
C ILE B 99 21.28 3.12 -7.31
N SER B 100 21.80 3.34 -8.52
N SER B 100 21.79 3.35 -8.52
CA SER B 100 23.22 3.56 -8.77
CA SER B 100 23.22 3.56 -8.76
C SER B 100 23.43 5.00 -9.20
C SER B 100 23.45 5.01 -9.22
N VAL B 101 24.23 5.75 -8.45
CA VAL B 101 24.49 7.16 -8.72
C VAL B 101 25.97 7.30 -9.08
N PRO B 102 26.32 7.70 -10.29
CA PRO B 102 27.72 7.81 -10.68
C PRO B 102 28.38 9.06 -10.10
N GLY B 103 29.68 8.95 -9.86
CA GLY B 103 30.46 10.10 -9.44
C GLY B 103 30.37 10.44 -7.98
N VAL B 104 29.67 9.65 -7.19
CA VAL B 104 29.56 9.88 -5.75
C VAL B 104 30.12 8.66 -5.03
N THR B 105 30.54 8.90 -3.78
CA THR B 105 30.82 7.81 -2.86
C THR B 105 29.49 7.34 -2.27
N THR B 106 29.18 6.05 -2.45
CA THR B 106 27.93 5.46 -1.99
C THR B 106 28.18 4.72 -0.68
N VAL B 107 27.48 5.13 0.37
CA VAL B 107 27.49 4.43 1.65
C VAL B 107 26.20 3.63 1.73
N SER B 108 26.30 2.30 1.74
CA SER B 108 25.10 1.47 1.84
C SER B 108 24.74 1.36 3.32
N MET B 109 23.58 1.90 3.68
CA MET B 109 23.20 1.92 5.08
C MET B 109 22.51 0.64 5.50
N THR B 110 22.60 0.32 6.80
CA THR B 110 21.95 -0.85 7.36
C THR B 110 20.46 -0.65 7.61
N THR B 111 19.98 0.58 7.42
CA THR B 111 18.64 1.02 7.75
C THR B 111 17.82 1.08 6.46
N ASP B 112 16.56 0.68 6.54
CA ASP B 112 15.66 0.80 5.40
C ASP B 112 14.87 2.10 5.50
N SER B 113 14.13 2.41 4.45
CA SER B 113 13.45 3.70 4.32
C SER B 113 12.03 3.71 4.87
N SER B 114 11.53 2.61 5.43
CA SER B 114 10.13 2.57 5.84
C SER B 114 9.86 3.52 7.01
N TYR B 115 8.63 4.03 7.03
CA TYR B 115 8.18 4.87 8.13
C TYR B 115 8.29 4.17 9.47
N THR B 116 8.07 2.85 9.51
CA THR B 116 8.17 2.13 10.78
C THR B 116 9.59 2.19 11.32
N THR B 117 10.57 1.91 10.47
CA THR B 117 11.97 1.99 10.87
C THR B 117 12.37 3.41 11.25
N LEU B 118 12.05 4.39 10.40
CA LEU B 118 12.47 5.76 10.68
C LEU B 118 11.88 6.26 12.00
N GLN B 119 10.58 6.05 12.21
CA GLN B 119 9.95 6.52 13.45
C GLN B 119 10.54 5.84 14.68
N ARG B 120 10.85 4.54 14.58
N ARG B 120 10.87 4.55 14.57
CA ARG B 120 11.49 3.85 15.71
CA ARG B 120 11.48 3.82 15.68
C ARG B 120 12.83 4.48 16.04
C ARG B 120 12.85 4.39 16.03
N VAL B 121 13.70 4.64 15.03
CA VAL B 121 15.01 5.23 15.29
C VAL B 121 14.87 6.69 15.71
N ALA B 122 13.92 7.41 15.13
CA ALA B 122 13.77 8.83 15.44
C ALA B 122 13.09 9.09 16.78
N ALA B 123 12.46 8.07 17.37
CA ALA B 123 11.64 8.24 18.56
C ALA B 123 10.60 9.35 18.36
N LEU B 124 9.92 9.30 17.22
CA LEU B 124 9.01 10.36 16.80
C LEU B 124 7.93 9.76 15.90
N GLU B 125 6.67 9.94 16.27
CA GLU B 125 5.54 9.50 15.45
C GLU B 125 5.12 10.62 14.50
N ARG B 126 4.79 10.25 13.25
CA ARG B 126 4.43 11.25 12.27
C ARG B 126 3.14 11.95 12.66
N SER B 127 2.20 11.23 13.24
CA SER B 127 0.94 11.86 13.62
C SER B 127 1.18 12.80 14.79
N GLY B 128 1.02 14.10 14.54
CA GLY B 128 1.38 15.11 15.50
C GLY B 128 2.77 15.69 15.35
N MET B 129 3.56 15.21 14.37
CA MET B 129 4.88 15.76 14.12
C MET B 129 4.78 17.20 13.62
N GLN B 130 5.62 18.08 14.16
CA GLN B 130 5.65 19.49 13.79
C GLN B 130 6.76 19.77 12.79
N ILE B 131 6.44 20.55 11.77
CA ILE B 131 7.41 20.96 10.76
C ILE B 131 7.28 22.46 10.58
N SER B 132 8.36 23.17 10.83
CA SER B 132 8.48 24.60 10.62
C SER B 132 9.71 24.83 9.75
N ARG B 133 9.85 26.05 9.23
CA ARG B 133 11.11 26.40 8.57
C ARG B 133 12.29 26.04 9.45
N HIS B 134 12.20 26.40 10.73
CA HIS B 134 13.30 26.13 11.64
C HIS B 134 13.57 24.63 11.78
N SER B 135 12.52 23.80 11.76
CA SER B 135 12.77 22.37 11.88
C SER B 135 13.32 21.79 10.58
N LEU B 136 13.08 22.43 9.43
CA LEU B 136 13.77 22.00 8.22
C LEU B 136 15.25 22.42 8.25
N VAL B 137 15.54 23.61 8.77
CA VAL B 137 16.94 24.00 8.91
C VAL B 137 17.65 23.06 9.89
N SER B 138 17.02 22.78 11.03
CA SER B 138 17.58 21.81 11.97
C SER B 138 17.78 20.45 11.31
N SER B 139 16.83 20.01 10.48
CA SER B 139 16.98 18.73 9.78
C SER B 139 18.15 18.77 8.81
N TYR B 140 18.27 19.86 8.05
CA TYR B 140 19.41 20.02 7.14
C TYR B 140 20.72 19.90 7.90
N LEU B 141 20.84 20.57 9.04
CA LEU B 141 22.08 20.55 9.80
C LEU B 141 22.40 19.14 10.29
N ALA B 142 21.38 18.38 10.69
CA ALA B 142 21.56 16.99 11.11
C ALA B 142 22.07 16.11 9.96
N LEU B 143 21.51 16.30 8.75
CA LEU B 143 21.93 15.45 7.64
C LEU B 143 23.36 15.78 7.19
N MET B 144 23.74 17.06 7.23
CA MET B 144 25.09 17.46 6.85
C MET B 144 26.14 16.98 7.84
N GLU B 145 25.76 16.89 9.12
CA GLU B 145 26.66 16.42 10.16
C GLU B 145 26.76 14.90 10.21
N PHE B 146 25.88 14.19 9.50
CA PHE B 146 25.80 12.74 9.57
C PHE B 146 26.95 12.07 8.83
N SER B 147 27.44 10.96 9.40
CA SER B 147 28.39 10.08 8.72
C SER B 147 28.15 8.65 9.20
N GLY B 148 28.85 7.69 8.57
CA GLY B 148 28.67 6.29 8.92
C GLY B 148 27.57 5.62 8.14
N ASN B 149 27.36 4.33 8.41
CA ASN B 149 26.36 3.57 7.65
C ASN B 149 25.14 3.18 8.49
N THR B 150 24.99 3.76 9.68
CA THR B 150 23.83 3.48 10.52
C THR B 150 23.10 4.79 10.84
N MET B 151 21.81 4.84 10.52
CA MET B 151 21.01 6.03 10.79
C MET B 151 20.90 6.31 12.29
N THR B 152 21.02 7.59 12.64
CA THR B 152 20.89 8.11 13.99
C THR B 152 19.49 8.69 14.21
N ARG B 153 19.21 9.07 15.46
CA ARG B 153 17.91 9.66 15.79
C ARG B 153 17.66 10.94 15.01
N ASP B 154 18.64 11.85 15.01
CA ASP B 154 18.42 13.14 14.37
C ASP B 154 18.43 13.02 12.85
N ALA B 155 19.22 12.11 12.28
CA ALA B 155 19.14 11.90 10.83
C ALA B 155 17.80 11.27 10.43
N SER B 156 17.25 10.42 11.29
CA SER B 156 15.95 9.83 11.00
C SER B 156 14.85 10.86 11.13
N ARG B 157 14.94 11.76 12.12
CA ARG B 157 13.97 12.85 12.20
C ARG B 157 14.06 13.75 10.98
N ALA B 158 15.29 14.05 10.54
CA ALA B 158 15.50 14.89 9.36
C ALA B 158 14.89 14.25 8.12
N VAL B 159 15.08 12.95 7.92
CA VAL B 159 14.49 12.31 6.76
C VAL B 159 12.96 12.34 6.84
N LEU B 160 12.40 12.10 8.04
CA LEU B 160 10.94 12.14 8.18
C LEU B 160 10.38 13.49 7.75
N ARG B 161 11.06 14.58 8.13
CA ARG B 161 10.55 15.91 7.80
C ARG B 161 10.78 16.27 6.34
N PHE B 162 11.94 15.91 5.76
CA PHE B 162 12.18 16.25 4.36
C PHE B 162 11.34 15.40 3.42
N VAL B 163 11.10 14.14 3.77
CA VAL B 163 10.22 13.32 2.94
C VAL B 163 8.81 13.90 2.93
N THR B 164 8.36 14.43 4.07
CA THR B 164 7.00 14.96 4.14
C THR B 164 6.86 16.14 3.21
N VAL B 165 7.81 17.08 3.21
CA VAL B 165 7.62 18.34 2.50
C VAL B 165 8.13 18.27 1.07
N THR B 166 8.66 17.13 0.62
CA THR B 166 9.10 16.97 -0.76
C THR B 166 8.23 15.90 -1.44
N ALA B 167 8.58 14.62 -1.24
CA ALA B 167 7.84 13.54 -1.90
C ALA B 167 6.36 13.52 -1.51
N GLU B 168 6.03 13.61 -0.22
CA GLU B 168 4.62 13.51 0.15
C GLU B 168 3.85 14.74 -0.28
N ALA B 169 4.50 15.91 -0.27
CA ALA B 169 3.87 17.12 -0.78
C ALA B 169 3.68 17.05 -2.28
N LEU B 170 4.66 16.49 -3.02
CA LEU B 170 4.47 16.28 -4.45
C LEU B 170 3.22 15.43 -4.72
N ARG B 171 3.06 14.34 -3.95
CA ARG B 171 1.89 13.48 -4.13
C ARG B 171 0.59 14.18 -3.73
N PHE B 172 0.59 14.86 -2.59
CA PHE B 172 -0.66 15.33 -1.99
C PHE B 172 -0.70 16.85 -1.92
N ARG B 173 -1.56 17.45 -2.75
CA ARG B 173 -1.79 18.88 -2.66
C ARG B 173 -2.26 19.29 -1.25
N GLN B 174 -2.99 18.41 -0.56
CA GLN B 174 -3.38 18.73 0.81
C GLN B 174 -2.18 19.00 1.70
N ILE B 175 -1.14 18.17 1.60
CA ILE B 175 0.03 18.37 2.46
C ILE B 175 0.79 19.62 2.03
N GLN B 176 0.96 19.83 0.72
CA GLN B 176 1.58 21.07 0.25
C GLN B 176 0.85 22.29 0.81
N ARG B 177 -0.48 22.31 0.72
CA ARG B 177 -1.24 23.49 1.14
C ARG B 177 -1.14 23.69 2.66
N GLU B 178 -1.16 22.60 3.44
CA GLU B 178 -1.10 22.77 4.90
C GLU B 178 0.29 23.16 5.38
N PHE B 179 1.34 22.75 4.65
CA PHE B 179 2.69 23.05 5.11
C PHE B 179 3.16 24.44 4.66
N ARG B 180 2.79 24.89 3.46
CA ARG B 180 3.42 26.07 2.88
C ARG B 180 3.31 27.34 3.74
N GLN B 181 2.29 27.44 4.60
CA GLN B 181 2.21 28.60 5.50
C GLN B 181 3.47 28.72 6.37
N ALA B 182 4.09 27.60 6.72
CA ALA B 182 5.27 27.63 7.57
C ALA B 182 6.42 28.39 6.95
N LEU B 183 6.40 28.62 5.65
CA LEU B 183 7.50 29.31 5.00
C LEU B 183 7.31 30.81 4.93
N SER B 184 6.15 31.32 5.33
CA SER B 184 5.86 32.75 5.25
C SER B 184 6.71 33.55 6.24
N PRO B 188 4.36 30.40 11.99
CA PRO B 188 3.41 29.30 12.19
C PRO B 188 4.06 27.91 12.06
N VAL B 189 3.43 26.91 12.66
CA VAL B 189 3.93 25.53 12.61
C VAL B 189 2.93 24.69 11.82
N TYR B 190 3.47 23.79 11.00
CA TYR B 190 2.66 22.74 10.40
C TYR B 190 2.68 21.55 11.36
N THR B 191 1.51 21.00 11.65
CA THR B 191 1.38 19.81 12.48
C THR B 191 0.70 18.73 11.64
N MET B 192 1.43 17.65 11.38
CA MET B 192 0.88 16.56 10.59
C MET B 192 -0.30 15.93 11.32
N THR B 193 -1.45 15.87 10.65
CA THR B 193 -2.64 15.34 11.29
C THR B 193 -2.78 13.84 11.02
N PRO B 194 -3.58 13.13 11.82
CA PRO B 194 -3.91 11.74 11.47
C PRO B 194 -4.46 11.61 10.06
N GLY B 195 -5.33 12.54 9.66
CA GLY B 195 -5.79 12.58 8.27
C GLY B 195 -4.65 12.64 7.27
N ASP B 196 -3.66 13.50 7.49
CA ASP B 196 -2.49 13.54 6.61
C ASP B 196 -1.80 12.19 6.56
N VAL B 197 -1.55 11.60 7.73
CA VAL B 197 -0.89 10.31 7.81
C VAL B 197 -1.67 9.27 7.02
N ASP B 198 -3.00 9.26 7.18
CA ASP B 198 -3.83 8.25 6.50
C ASP B 198 -3.76 8.38 4.98
N LEU B 199 -3.66 9.62 4.47
CA LEU B 199 -3.45 9.82 3.03
C LEU B 199 -2.18 9.15 2.57
N THR B 200 -1.06 9.41 3.25
CA THR B 200 0.21 8.88 2.78
C THR B 200 0.22 7.36 2.83
N LEU B 201 -0.52 6.75 3.75
CA LEU B 201 -0.50 5.30 3.86
C LEU B 201 -1.41 4.62 2.84
N ASN B 202 -2.27 5.39 2.15
CA ASN B 202 -3.20 4.86 1.16
C ASN B 202 -2.91 5.38 -0.25
N TRP B 203 -1.67 5.81 -0.53
CA TRP B 203 -1.38 6.40 -1.84
C TRP B 203 -1.52 5.37 -2.97
N GLY B 204 -1.07 4.13 -2.75
CA GLY B 204 -1.25 3.10 -3.76
C GLY B 204 -2.72 2.79 -4.04
N ARG B 205 -3.51 2.62 -2.98
CA ARG B 205 -4.92 2.33 -3.21
C ARG B 205 -5.62 3.52 -3.88
N ILE B 206 -5.31 4.74 -3.45
CA ILE B 206 -5.87 5.92 -4.11
C ILE B 206 -5.47 5.96 -5.59
N SER B 207 -4.20 5.68 -5.88
CA SER B 207 -3.72 5.68 -7.26
C SER B 207 -4.42 4.63 -8.12
N ASN B 208 -4.84 3.51 -7.51
CA ASN B 208 -5.50 2.45 -8.28
C ASN B 208 -6.93 2.83 -8.68
N VAL B 209 -7.57 3.72 -7.93
CA VAL B 209 -9.00 3.99 -8.11
C VAL B 209 -9.25 5.21 -8.98
N LEU B 210 -8.43 6.25 -8.84
CA LEU B 210 -8.76 7.52 -9.50
C LEU B 210 -8.80 7.45 -11.02
N PRO B 211 -7.96 6.66 -11.72
CA PRO B 211 -8.05 6.67 -13.20
C PRO B 211 -9.37 6.13 -13.73
N GLU B 212 -10.15 5.43 -12.92
CA GLU B 212 -11.48 4.93 -13.27
C GLU B 212 -12.57 5.95 -12.99
N TYR B 213 -12.23 7.10 -12.42
CA TYR B 213 -13.21 8.12 -12.08
C TYR B 213 -13.74 8.81 -13.33
N ARG B 214 -15.06 8.84 -13.46
CA ARG B 214 -15.71 9.49 -14.58
C ARG B 214 -16.75 10.47 -14.06
N GLY B 215 -16.99 11.51 -14.85
CA GLY B 215 -17.99 12.48 -14.47
C GLY B 215 -17.64 13.09 -13.13
N GLU B 216 -18.61 13.07 -12.22
CA GLU B 216 -18.42 13.74 -10.94
C GLU B 216 -19.40 13.28 -9.87
N ASP B 217 -19.33 12.00 -9.50
CA ASP B 217 -19.95 11.51 -8.28
C ASP B 217 -18.83 11.31 -7.25
N GLY B 218 -19.17 10.69 -6.12
CA GLY B 218 -18.16 10.47 -5.10
C GLY B 218 -17.16 9.37 -5.46
N VAL B 219 -16.11 9.28 -4.62
CA VAL B 219 -15.10 8.23 -4.70
C VAL B 219 -14.72 7.84 -3.28
N ARG B 220 -14.69 6.54 -3.01
CA ARG B 220 -14.41 6.00 -1.68
C ARG B 220 -13.29 4.96 -1.77
N VAL B 221 -12.21 5.20 -1.02
CA VAL B 221 -11.09 4.29 -0.90
C VAL B 221 -10.91 4.05 0.59
N GLY B 222 -11.36 2.89 1.07
CA GLY B 222 -11.30 2.60 2.50
C GLY B 222 -12.05 3.64 3.31
N ARG B 223 -11.36 4.24 4.28
CA ARG B 223 -11.91 5.34 5.05
C ARG B 223 -11.79 6.69 4.33
N ILE B 224 -11.04 6.77 3.23
CA ILE B 224 -10.87 8.02 2.49
C ILE B 224 -12.06 8.21 1.56
N SER B 225 -12.79 9.31 1.75
CA SER B 225 -13.98 9.61 0.96
C SER B 225 -13.79 10.96 0.29
N PHE B 226 -14.03 10.99 -1.02
CA PHE B 226 -14.02 12.23 -1.80
C PHE B 226 -15.43 12.48 -2.30
N ASN B 227 -16.05 13.57 -1.83
CA ASN B 227 -17.43 13.83 -2.20
C ASN B 227 -17.55 14.35 -3.63
N ASN B 228 -16.51 14.99 -4.16
CA ASN B 228 -16.61 15.62 -5.47
C ASN B 228 -15.22 15.79 -6.06
N ILE B 229 -15.20 16.28 -7.30
CA ILE B 229 -13.93 16.51 -7.96
C ILE B 229 -13.13 17.59 -7.23
N SER B 230 -13.79 18.62 -6.67
CA SER B 230 -13.06 19.60 -5.90
C SER B 230 -12.39 18.98 -4.68
N ALA B 231 -13.05 18.01 -4.03
CA ALA B 231 -12.41 17.34 -2.90
C ALA B 231 -11.19 16.55 -3.37
N ILE B 232 -11.28 15.91 -4.54
CA ILE B 232 -10.14 15.18 -5.08
C ILE B 232 -8.99 16.13 -5.37
N LEU B 233 -9.25 17.19 -6.14
CA LEU B 233 -8.18 18.11 -6.55
C LEU B 233 -7.58 18.85 -5.36
N GLY B 234 -8.39 19.14 -4.35
CA GLY B 234 -7.87 19.75 -3.14
C GLY B 234 -6.92 18.86 -2.36
N THR B 235 -6.98 17.55 -2.58
CA THR B 235 -6.26 16.56 -1.77
C THR B 235 -5.09 15.90 -2.50
N VAL B 236 -5.30 15.39 -3.71
CA VAL B 236 -4.33 14.54 -4.40
C VAL B 236 -3.79 15.29 -5.61
N ALA B 237 -2.46 15.28 -5.78
CA ALA B 237 -1.85 15.91 -6.95
C ALA B 237 -1.24 14.93 -7.94
N VAL B 238 -0.57 13.88 -7.47
CA VAL B 238 0.17 12.96 -8.34
C VAL B 238 -0.09 11.54 -7.85
N ILE B 239 -0.37 10.62 -8.78
CA ILE B 239 -0.64 9.23 -8.44
C ILE B 239 0.32 8.30 -9.15
N LEU B 240 0.43 7.08 -8.61
CA LEU B 240 1.16 5.99 -9.24
C LEU B 240 0.58 5.61 -10.58
N ASN B 241 1.45 5.09 -11.46
CA ASN B 241 1.07 4.65 -12.81
C ASN B 241 0.90 3.14 -12.81
N CYS B 242 -0.33 2.65 -12.69
CA CYS B 242 -0.55 1.20 -12.84
C CYS B 242 -1.42 0.86 -14.05
N GLY C 1 -1.29 -33.30 -6.17
CA GLY C 1 0.13 -33.05 -6.07
C GLY C 1 0.46 -31.61 -5.69
N PHE C 2 1.01 -31.43 -4.49
CA PHE C 2 1.32 -30.11 -3.97
C PHE C 2 2.79 -29.78 -4.21
N GLY C 3 3.16 -28.54 -3.89
CA GLY C 3 4.53 -28.10 -3.94
C GLY C 3 5.16 -28.13 -2.57
N LEU C 4 6.48 -28.02 -2.56
CA LEU C 4 7.24 -28.12 -1.31
C LEU C 4 7.12 -26.89 -0.42
N PHE C 5 6.55 -25.78 -0.91
CA PHE C 5 6.35 -24.58 -0.10
C PHE C 5 4.93 -24.44 0.44
N ASP C 6 4.03 -25.36 0.11
CA ASP C 6 2.62 -25.23 0.47
C ASP C 6 2.35 -25.56 1.94
N GLY D 1 1.67 32.08 -11.70
CA GLY D 1 0.25 31.90 -11.53
C GLY D 1 -0.09 30.55 -10.91
N PHE D 2 -0.66 30.59 -9.71
CA PHE D 2 -1.02 29.40 -8.97
C PHE D 2 -2.50 29.05 -9.19
N GLY D 3 -2.89 27.88 -8.69
CA GLY D 3 -4.27 27.45 -8.75
C GLY D 3 -4.95 27.62 -7.40
N LEU D 4 -6.28 27.54 -7.42
CA LEU D 4 -7.03 27.82 -6.20
C LEU D 4 -6.92 26.69 -5.17
N PHE D 5 -6.43 25.52 -5.55
CA PHE D 5 -6.25 24.41 -4.61
C PHE D 5 -4.86 24.36 -3.99
N ASP D 6 -3.95 25.23 -4.43
CA ASP D 6 -2.54 25.18 -4.03
C ASP D 6 -2.35 25.65 -2.59
#